data_5UIW
#
_entry.id   5UIW
#
_cell.length_a   38.010
_cell.length_b   52.640
_cell.length_c   302.670
_cell.angle_alpha   90.000
_cell.angle_beta   90.000
_cell.angle_gamma   90.000
#
_symmetry.space_group_name_H-M   'P 2 21 21'
#
loop_
_entity.id
_entity.type
_entity.pdbx_description
1 polymer 'C-C chemokine receptor type 5,Rubredoxin chimera'
2 polymer 'C-C motif chemokine 5'
3 non-polymer 'ZINC ION'
4 non-polymer '(2R)-2,3-dihydroxypropyl (9Z)-octadec-9-enoate'
5 non-polymer 'OLEIC ACID'
6 water water
#
loop_
_entity_poly.entity_id
_entity_poly.type
_entity_poly.pdbx_seq_one_letter_code
_entity_poly.pdbx_strand_id
1 'polypeptide(L)'
;GAPDYQVSSPIYDINYYTSEPCQKINVKQIAARLLPPLYSLVFIFGFVGNMLVILILINYKRLKSMTDIYLLNLAISDLF
FLLTVPFWAHYAAAQWDFGNTMCQLLTGLYFIGFFSGIFFIILLTIDRYLAVVHAVFALKARTVTFGVVTSVITWVVAVF
ASLPNIIFTRSQKEGLHYTCSSHFPYSQYQFWKNFQTLKIVILGLVLPLLVMVICYSGILKTLLRMKKYTCTVCGYIYNP
EDGDPDNGVNPGTDFKDIPDDWVCPLCGVGKDQFEEVEEEKKRHRDVRLIFTIMIVYFLFWAPYNIVLLLNTFQEFFGLN
NCSSSNRLDQAMQVTETLGMTHCCINPIIYAFVGEEFRNYLLVFFQKHIFCKCCSIFQQEAPERASSVYTRSTGEQEISV
GLGRPLEVLFQ
;
A
2 'polypeptide(L)' (PCA)GPPLMALQSCCFAYIARPLPRAHIKEYFYTSGKCSNPAVVFVTRKNRQVCANPEKKWVREYINSLEMSLEVLFQ B
#
loop_
_chem_comp.id
_chem_comp.type
_chem_comp.name
_chem_comp.formula
OLA non-polymer 'OLEIC ACID' 'C18 H34 O2'
OLC non-polymer '(2R)-2,3-dihydroxypropyl (9Z)-octadec-9-enoate' 'C21 H40 O4'
ZN non-polymer 'ZINC ION' 'Zn 2'
#
# COMPACT_ATOMS: atom_id res chain seq x y z
N THR A 18 36.65 15.64 6.16
CA THR A 18 35.97 16.19 7.32
C THR A 18 34.73 16.94 6.86
N SER A 19 33.65 16.82 7.64
CA SER A 19 32.35 17.40 7.28
C SER A 19 31.90 17.03 5.88
N GLU A 20 32.07 15.76 5.50
CA GLU A 20 31.58 15.31 4.21
C GLU A 20 30.25 14.58 4.42
N PRO A 21 29.40 14.55 3.38
CA PRO A 21 28.15 13.79 3.51
C PRO A 21 28.46 12.32 3.78
N CYS A 22 27.54 11.63 4.44
CA CYS A 22 27.71 10.22 4.79
C CYS A 22 27.33 9.32 3.62
N GLN A 23 28.29 8.51 3.16
CA GLN A 23 28.10 7.71 1.94
C GLN A 23 27.35 6.41 2.19
N LYS A 24 26.38 6.10 1.33
CA LYS A 24 25.83 4.75 1.28
C LYS A 24 26.23 4.11 -0.06
N ILE A 25 27.52 4.23 -0.39
CA ILE A 25 28.04 3.86 -1.71
C ILE A 25 27.73 2.40 -2.10
N ASN A 26 27.83 1.49 -1.15
CA ASN A 26 27.53 0.09 -1.42
C ASN A 26 26.04 -0.12 -1.69
N VAL A 27 25.23 0.32 -0.73
CA VAL A 27 23.78 0.23 -0.82
C VAL A 27 23.24 0.74 -2.16
N LYS A 28 23.79 1.86 -2.61
CA LYS A 28 23.36 2.45 -3.86
C LYS A 28 23.70 1.50 -5.00
N GLN A 29 24.97 1.12 -5.09
CA GLN A 29 25.47 0.31 -6.21
C GLN A 29 24.82 -1.07 -6.28
N ILE A 30 24.53 -1.64 -5.11
CA ILE A 30 23.79 -2.89 -5.07
C ILE A 30 22.37 -2.69 -5.59
N ALA A 31 21.71 -1.64 -5.10
CA ALA A 31 20.36 -1.30 -5.51
C ALA A 31 20.26 -1.08 -7.01
N ALA A 32 21.30 -0.50 -7.60
CA ALA A 32 21.29 -0.19 -9.03
C ALA A 32 21.28 -1.45 -9.89
N ARG A 33 21.79 -2.55 -9.35
CA ARG A 33 21.79 -3.81 -10.08
C ARG A 33 20.52 -4.61 -9.80
N LEU A 34 20.15 -4.73 -8.52
CA LEU A 34 19.00 -5.54 -8.15
C LEU A 34 17.64 -4.99 -8.59
N LEU A 35 17.39 -3.71 -8.29
CA LEU A 35 16.05 -3.15 -8.43
C LEU A 35 15.50 -3.09 -9.86
N PRO A 36 16.30 -2.65 -10.86
CA PRO A 36 15.71 -2.54 -12.20
C PRO A 36 15.09 -3.83 -12.77
N PRO A 37 15.74 -5.01 -12.62
CA PRO A 37 15.04 -6.18 -13.16
C PRO A 37 13.82 -6.55 -12.33
N LEU A 38 13.95 -6.40 -11.01
CA LEU A 38 12.84 -6.70 -10.11
C LEU A 38 11.62 -5.86 -10.42
N TYR A 39 11.80 -4.54 -10.47
CA TYR A 39 10.71 -3.63 -10.77
C TYR A 39 10.13 -3.95 -12.15
N SER A 40 11.00 -4.30 -13.09
CA SER A 40 10.56 -4.72 -14.42
C SER A 40 9.65 -5.94 -14.35
N LEU A 41 10.02 -6.90 -13.51
CA LEU A 41 9.22 -8.11 -13.34
C LEU A 41 7.88 -7.76 -12.73
N VAL A 42 7.92 -6.89 -11.71
CA VAL A 42 6.72 -6.36 -11.08
C VAL A 42 5.81 -5.66 -12.09
N PHE A 43 6.40 -4.80 -12.92
CA PHE A 43 5.63 -4.10 -13.94
C PHE A 43 5.05 -5.07 -14.96
N ILE A 44 5.80 -6.10 -15.31
CA ILE A 44 5.29 -7.12 -16.22
C ILE A 44 4.10 -7.84 -15.62
N PHE A 45 4.31 -8.52 -14.50
CA PHE A 45 3.26 -9.30 -13.88
C PHE A 45 2.10 -8.42 -13.44
N GLY A 46 2.40 -7.23 -12.93
CA GLY A 46 1.36 -6.37 -12.39
C GLY A 46 0.45 -5.80 -13.46
N PHE A 47 1.04 -5.45 -14.59
CA PHE A 47 0.28 -4.84 -15.66
C PHE A 47 -0.71 -5.84 -16.24
N VAL A 48 -0.22 -7.01 -16.64
CA VAL A 48 -1.09 -8.02 -17.22
C VAL A 48 -2.08 -8.56 -16.18
N GLY A 49 -1.67 -8.59 -14.92
CA GLY A 49 -2.54 -9.09 -13.86
C GLY A 49 -3.74 -8.19 -13.62
N ASN A 50 -3.47 -6.90 -13.46
CA ASN A 50 -4.54 -5.93 -13.21
C ASN A 50 -5.35 -5.62 -14.46
N MET A 51 -4.73 -5.64 -15.63
CA MET A 51 -5.49 -5.49 -16.87
C MET A 51 -6.48 -6.63 -16.99
N LEU A 52 -6.02 -7.83 -16.67
CA LEU A 52 -6.88 -9.01 -16.68
C LEU A 52 -8.05 -8.83 -15.71
N VAL A 53 -7.75 -8.44 -14.47
CA VAL A 53 -8.76 -8.20 -13.46
C VAL A 53 -9.79 -7.21 -13.97
N ILE A 54 -9.33 -6.11 -14.55
CA ILE A 54 -10.23 -5.08 -15.06
C ILE A 54 -11.08 -5.64 -16.21
N LEU A 55 -10.47 -6.43 -17.08
CA LEU A 55 -11.20 -7.02 -18.20
C LEU A 55 -12.27 -8.00 -17.74
N ILE A 56 -11.96 -8.77 -16.71
CA ILE A 56 -12.92 -9.72 -16.16
C ILE A 56 -14.06 -9.01 -15.40
N LEU A 57 -13.73 -7.98 -14.63
CA LEU A 57 -14.76 -7.27 -13.87
C LEU A 57 -15.74 -6.55 -14.79
N ILE A 58 -15.24 -5.97 -15.88
CA ILE A 58 -16.10 -5.25 -16.81
C ILE A 58 -16.89 -6.16 -17.75
N ASN A 59 -16.21 -7.14 -18.35
CA ASN A 59 -16.82 -7.91 -19.42
C ASN A 59 -17.39 -9.27 -19.02
N TYR A 60 -16.95 -9.84 -17.89
CA TYR A 60 -17.37 -11.19 -17.50
C TYR A 60 -18.21 -11.25 -16.21
N LYS A 61 -17.89 -10.41 -15.23
CA LYS A 61 -18.70 -10.26 -14.02
C LYS A 61 -19.67 -9.10 -14.18
N ARG A 62 -19.26 -8.13 -14.97
CA ARG A 62 -20.10 -7.05 -15.50
C ARG A 62 -20.46 -5.91 -14.53
N LEU A 63 -19.90 -5.92 -13.31
CA LEU A 63 -20.11 -4.84 -12.33
C LEU A 63 -21.56 -4.67 -11.92
N LYS A 64 -22.01 -5.50 -10.99
CA LYS A 64 -23.42 -5.50 -10.63
C LYS A 64 -23.62 -5.15 -9.17
N SER A 65 -22.52 -4.91 -8.47
CA SER A 65 -22.58 -4.67 -7.03
C SER A 65 -21.56 -3.65 -6.59
N MET A 66 -21.68 -3.20 -5.34
CA MET A 66 -20.76 -2.23 -4.78
C MET A 66 -19.37 -2.83 -4.66
N THR A 67 -19.29 -4.15 -4.54
CA THR A 67 -18.01 -4.83 -4.37
C THR A 67 -17.20 -4.83 -5.66
N ASP A 68 -17.87 -5.15 -6.76
CA ASP A 68 -17.22 -5.12 -8.06
C ASP A 68 -16.69 -3.73 -8.37
N ILE A 69 -17.40 -2.71 -7.90
CA ILE A 69 -16.98 -1.34 -8.15
C ILE A 69 -15.69 -1.03 -7.43
N TYR A 70 -15.61 -1.45 -6.16
CA TYR A 70 -14.42 -1.19 -5.37
C TYR A 70 -13.24 -2.03 -5.86
N LEU A 71 -13.53 -3.23 -6.33
CA LEU A 71 -12.47 -4.10 -6.86
C LEU A 71 -11.92 -3.50 -8.13
N LEU A 72 -12.80 -2.92 -8.93
CA LEU A 72 -12.40 -2.22 -10.13
C LEU A 72 -11.47 -1.06 -9.77
N ASN A 73 -11.94 -0.17 -8.90
CA ASN A 73 -11.13 0.97 -8.51
C ASN A 73 -9.81 0.57 -7.87
N LEU A 74 -9.81 -0.57 -7.19
CA LEU A 74 -8.60 -1.04 -6.52
C LEU A 74 -7.56 -1.47 -7.55
N ALA A 75 -8.03 -2.04 -8.66
CA ALA A 75 -7.15 -2.45 -9.75
C ALA A 75 -6.63 -1.22 -10.48
N ILE A 76 -7.47 -0.20 -10.55
CA ILE A 76 -7.08 1.04 -11.18
C ILE A 76 -6.02 1.70 -10.33
N SER A 77 -6.20 1.61 -9.02
CA SER A 77 -5.21 2.11 -8.10
C SER A 77 -3.84 1.48 -8.32
N ASP A 78 -3.79 0.18 -8.50
CA ASP A 78 -2.53 -0.51 -8.76
C ASP A 78 -1.91 -0.06 -10.08
N LEU A 79 -2.73 0.23 -11.07
CA LEU A 79 -2.21 0.69 -12.37
C LEU A 79 -1.57 2.09 -12.31
N PHE A 80 -2.12 3.01 -11.50
CA PHE A 80 -1.46 4.32 -11.31
C PHE A 80 -0.06 4.10 -10.77
N PHE A 81 0.00 3.23 -9.77
CA PHE A 81 1.26 2.81 -9.19
C PHE A 81 2.20 2.16 -10.21
N LEU A 82 1.65 1.30 -11.05
CA LEU A 82 2.47 0.54 -12.00
C LEU A 82 3.05 1.43 -13.08
N LEU A 83 2.29 2.43 -13.49
CA LEU A 83 2.75 3.33 -14.54
C LEU A 83 4.04 4.06 -14.16
N THR A 84 4.30 4.17 -12.87
CA THR A 84 5.45 4.93 -12.39
C THR A 84 6.65 4.01 -12.21
N VAL A 85 6.38 2.71 -12.10
CA VAL A 85 7.43 1.75 -11.79
C VAL A 85 8.59 1.73 -12.79
N PRO A 86 8.31 1.78 -14.11
CA PRO A 86 9.47 1.76 -15.01
C PRO A 86 10.43 2.94 -14.77
N PHE A 87 9.89 4.09 -14.38
CA PHE A 87 10.70 5.28 -14.11
C PHE A 87 11.55 5.13 -12.86
N TRP A 88 10.97 4.61 -11.78
CA TRP A 88 11.76 4.33 -10.59
C TRP A 88 12.81 3.28 -10.93
N ALA A 89 12.50 2.40 -11.86
CA ALA A 89 13.44 1.34 -12.25
C ALA A 89 14.66 1.93 -12.94
N HIS A 90 14.42 2.91 -13.80
CA HIS A 90 15.50 3.63 -14.49
C HIS A 90 16.28 4.51 -13.53
N TYR A 91 15.56 5.21 -12.67
CA TYR A 91 16.17 6.05 -11.64
C TYR A 91 17.20 5.25 -10.87
N ALA A 92 16.81 4.06 -10.41
CA ALA A 92 17.75 3.17 -9.73
C ALA A 92 18.91 2.76 -10.63
N ALA A 93 18.63 2.59 -11.92
CA ALA A 93 19.64 2.08 -12.84
C ALA A 93 20.64 3.14 -13.26
N ALA A 94 20.20 4.39 -13.27
CA ALA A 94 21.07 5.50 -13.64
C ALA A 94 20.89 6.65 -12.66
N GLN A 95 20.03 7.59 -13.03
CA GLN A 95 19.73 8.75 -12.18
C GLN A 95 18.36 9.30 -12.55
N TRP A 96 18.05 10.54 -12.16
CA TRP A 96 16.77 11.09 -12.58
C TRP A 96 16.94 11.88 -13.87
N ASP A 97 16.66 11.21 -14.97
CA ASP A 97 16.83 11.76 -16.31
C ASP A 97 15.59 12.43 -16.87
N PHE A 98 14.53 12.54 -16.08
CA PHE A 98 13.23 12.92 -16.63
C PHE A 98 12.82 14.35 -16.32
N GLY A 99 13.69 15.08 -15.64
CA GLY A 99 13.38 16.47 -15.36
C GLY A 99 12.40 16.61 -14.22
N ASN A 100 12.27 17.85 -13.74
CA ASN A 100 11.53 18.13 -12.52
C ASN A 100 10.03 17.91 -12.62
N THR A 101 9.43 18.39 -13.70
CA THR A 101 7.98 18.30 -13.80
C THR A 101 7.56 16.84 -13.86
N MET A 102 8.35 16.03 -14.57
CA MET A 102 8.10 14.60 -14.61
C MET A 102 8.34 13.96 -13.22
N CYS A 103 9.21 14.57 -12.42
CA CYS A 103 9.46 14.12 -11.06
C CYS A 103 8.28 14.38 -10.15
N GLN A 104 7.67 15.55 -10.29
CA GLN A 104 6.54 15.90 -9.45
C GLN A 104 5.29 15.13 -9.87
N LEU A 105 5.15 14.93 -11.17
CA LEU A 105 4.00 14.23 -11.69
C LEU A 105 4.00 12.79 -11.20
N LEU A 106 5.11 12.09 -11.42
CA LEU A 106 5.21 10.69 -11.07
C LEU A 106 5.14 10.45 -9.57
N THR A 107 5.68 11.37 -8.78
CA THR A 107 5.55 11.27 -7.32
C THR A 107 4.08 11.36 -6.96
N GLY A 108 3.36 12.22 -7.67
CA GLY A 108 1.93 12.37 -7.48
C GLY A 108 1.17 11.10 -7.77
N LEU A 109 1.41 10.51 -8.94
CA LEU A 109 0.76 9.27 -9.32
C LEU A 109 1.02 8.17 -8.31
N TYR A 110 2.24 8.14 -7.82
CA TYR A 110 2.70 7.12 -6.90
C TYR A 110 1.91 7.20 -5.60
N PHE A 111 1.78 8.40 -5.03
CA PHE A 111 1.07 8.52 -3.77
C PHE A 111 -0.45 8.44 -3.97
N ILE A 112 -0.94 8.85 -5.13
CA ILE A 112 -2.37 8.67 -5.43
C ILE A 112 -2.67 7.19 -5.52
N GLY A 113 -1.80 6.45 -6.19
CA GLY A 113 -1.92 5.01 -6.25
C GLY A 113 -1.92 4.44 -4.85
N PHE A 114 -1.00 4.93 -4.04
CA PHE A 114 -0.79 4.40 -2.71
C PHE A 114 -2.02 4.60 -1.82
N PHE A 115 -2.41 5.86 -1.63
CA PHE A 115 -3.51 6.15 -0.70
C PHE A 115 -4.81 5.56 -1.19
N SER A 116 -5.11 5.72 -2.49
CA SER A 116 -6.35 5.18 -3.02
C SER A 116 -6.36 3.67 -2.84
N GLY A 117 -5.18 3.07 -2.92
CA GLY A 117 -5.04 1.64 -2.71
C GLY A 117 -5.59 1.19 -1.37
N ILE A 118 -5.09 1.79 -0.31
CA ILE A 118 -5.51 1.38 1.00
C ILE A 118 -6.93 1.84 1.26
N PHE A 119 -7.36 2.96 0.67
CA PHE A 119 -8.72 3.46 0.90
C PHE A 119 -9.77 2.50 0.34
N PHE A 120 -9.49 1.88 -0.79
CA PHE A 120 -10.48 0.98 -1.38
C PHE A 120 -10.48 -0.39 -0.72
N ILE A 121 -9.33 -0.78 -0.17
CA ILE A 121 -9.25 -1.99 0.65
C ILE A 121 -10.10 -1.78 1.88
N ILE A 122 -10.00 -0.61 2.48
CA ILE A 122 -10.85 -0.27 3.61
C ILE A 122 -12.32 -0.25 3.22
N LEU A 123 -12.64 0.35 2.08
CA LEU A 123 -14.02 0.37 1.59
C LEU A 123 -14.56 -1.04 1.27
N LEU A 124 -13.71 -1.90 0.71
CA LEU A 124 -14.05 -3.31 0.55
C LEU A 124 -14.40 -3.93 1.91
N THR A 125 -13.51 -3.73 2.88
CA THR A 125 -13.75 -4.27 4.20
C THR A 125 -15.07 -3.79 4.79
N ILE A 126 -15.35 -2.49 4.71
CA ILE A 126 -16.59 -1.98 5.29
C ILE A 126 -17.83 -2.45 4.51
N ASP A 127 -17.71 -2.48 3.18
CA ASP A 127 -18.81 -2.93 2.31
C ASP A 127 -19.24 -4.36 2.66
N ARG A 128 -18.27 -5.21 2.97
CA ARG A 128 -18.57 -6.59 3.30
C ARG A 128 -19.05 -6.68 4.75
N TYR A 129 -18.52 -5.82 5.59
CA TYR A 129 -18.94 -5.72 6.99
C TYR A 129 -20.44 -5.41 7.05
N LEU A 130 -20.85 -4.38 6.32
CA LEU A 130 -22.24 -3.96 6.27
C LEU A 130 -23.12 -5.10 5.79
N ALA A 131 -22.64 -5.85 4.80
CA ALA A 131 -23.43 -6.93 4.23
C ALA A 131 -23.66 -8.05 5.25
N VAL A 132 -22.68 -8.29 6.11
CA VAL A 132 -22.75 -9.41 7.04
C VAL A 132 -23.41 -9.02 8.36
N VAL A 133 -23.10 -7.84 8.87
CA VAL A 133 -23.54 -7.43 10.20
C VAL A 133 -24.84 -6.62 10.21
N HIS A 134 -24.96 -5.66 9.31
CA HIS A 134 -26.19 -4.89 9.18
C HIS A 134 -26.88 -5.16 7.84
N ALA A 135 -27.37 -6.37 7.66
CA ALA A 135 -27.92 -6.79 6.37
C ALA A 135 -29.08 -5.91 5.90
N VAL A 136 -29.95 -5.52 6.82
CA VAL A 136 -31.14 -4.75 6.45
C VAL A 136 -30.79 -3.33 6.00
N PHE A 137 -29.92 -2.66 6.74
CA PHE A 137 -29.47 -1.31 6.38
C PHE A 137 -28.73 -1.30 5.04
N ALA A 138 -27.99 -2.36 4.77
CA ALA A 138 -27.17 -2.47 3.57
C ALA A 138 -28.00 -2.62 2.30
N LEU A 139 -29.32 -2.69 2.43
CA LEU A 139 -30.19 -2.82 1.27
C LEU A 139 -30.09 -1.59 0.35
N LYS A 140 -30.45 -0.42 0.88
CA LYS A 140 -30.45 0.81 0.08
C LYS A 140 -29.07 1.48 0.08
N ALA A 141 -28.23 1.06 1.01
CA ALA A 141 -26.92 1.68 1.18
C ALA A 141 -25.88 1.10 0.24
N ARG A 142 -26.09 -0.13 -0.19
CA ARG A 142 -25.11 -0.79 -1.05
C ARG A 142 -25.49 -0.72 -2.52
N THR A 143 -26.28 0.30 -2.86
CA THR A 143 -26.63 0.61 -4.24
C THR A 143 -25.35 0.89 -5.06
N VAL A 144 -25.29 0.38 -6.28
CA VAL A 144 -24.14 0.62 -7.16
C VAL A 144 -23.94 2.12 -7.38
N THR A 145 -25.04 2.84 -7.50
CA THR A 145 -25.04 4.30 -7.53
C THR A 145 -24.17 4.88 -6.43
N PHE A 146 -24.44 4.49 -5.19
CA PHE A 146 -23.66 4.99 -4.06
C PHE A 146 -22.23 4.47 -4.08
N GLY A 147 -22.02 3.29 -4.62
CA GLY A 147 -20.67 2.78 -4.80
C GLY A 147 -19.85 3.73 -5.65
N VAL A 148 -20.47 4.23 -6.71
CA VAL A 148 -19.79 5.11 -7.64
C VAL A 148 -19.46 6.46 -7.02
N VAL A 149 -20.44 7.10 -6.38
CA VAL A 149 -20.18 8.41 -5.79
C VAL A 149 -19.13 8.28 -4.67
N THR A 150 -19.16 7.17 -3.95
CA THR A 150 -18.19 6.94 -2.89
C THR A 150 -16.79 6.84 -3.48
N SER A 151 -16.68 6.12 -4.60
CA SER A 151 -15.41 5.96 -5.30
C SER A 151 -14.87 7.31 -5.76
N VAL A 152 -15.76 8.14 -6.28
CA VAL A 152 -15.39 9.47 -6.79
C VAL A 152 -14.83 10.34 -5.67
N ILE A 153 -15.58 10.44 -4.58
CA ILE A 153 -15.11 11.13 -3.39
C ILE A 153 -13.76 10.57 -2.93
N THR A 154 -13.63 9.26 -2.91
CA THR A 154 -12.39 8.62 -2.46
C THR A 154 -11.19 9.01 -3.34
N TRP A 155 -11.39 9.12 -4.65
CA TRP A 155 -10.29 9.54 -5.52
C TRP A 155 -9.89 10.98 -5.24
N VAL A 156 -10.89 11.84 -5.06
CA VAL A 156 -10.65 13.23 -4.71
C VAL A 156 -9.78 13.33 -3.47
N VAL A 157 -10.21 12.66 -2.41
CA VAL A 157 -9.47 12.62 -1.15
C VAL A 157 -8.05 12.08 -1.32
N ALA A 158 -7.89 10.97 -2.04
CA ALA A 158 -6.57 10.41 -2.30
C ALA A 158 -5.66 11.45 -2.92
N VAL A 159 -6.24 12.30 -3.75
CA VAL A 159 -5.46 13.33 -4.42
C VAL A 159 -5.03 14.40 -3.43
N PHE A 160 -5.96 14.89 -2.62
CA PHE A 160 -5.60 15.91 -1.65
C PHE A 160 -4.57 15.37 -0.68
N ALA A 161 -4.69 14.10 -0.33
CA ALA A 161 -3.70 13.48 0.55
C ALA A 161 -2.33 13.43 -0.10
N SER A 162 -2.29 13.46 -1.41
CA SER A 162 -1.01 13.31 -2.10
C SER A 162 -0.37 14.65 -2.47
N LEU A 163 -1.14 15.73 -2.36
CA LEU A 163 -0.65 17.05 -2.74
C LEU A 163 0.62 17.50 -2.01
N PRO A 164 0.67 17.34 -0.66
CA PRO A 164 1.88 17.84 -0.01
C PRO A 164 3.12 17.10 -0.50
N ASN A 165 2.98 15.81 -0.75
CA ASN A 165 4.10 15.02 -1.19
C ASN A 165 4.61 15.51 -2.53
N ILE A 166 3.69 15.87 -3.41
CA ILE A 166 4.05 16.45 -4.71
C ILE A 166 4.84 17.75 -4.55
N ILE A 167 4.34 18.67 -3.72
CA ILE A 167 4.92 20.01 -3.62
C ILE A 167 6.29 20.00 -2.96
N PHE A 168 6.51 19.04 -2.06
CA PHE A 168 7.76 18.93 -1.32
C PHE A 168 8.84 18.24 -2.15
N THR A 169 8.46 17.72 -3.31
CA THR A 169 9.35 16.87 -4.11
C THR A 169 9.86 17.59 -5.35
N ARG A 170 11.16 17.47 -5.61
CA ARG A 170 11.81 18.17 -6.69
C ARG A 170 12.96 17.33 -7.22
N SER A 171 13.29 17.50 -8.49
CA SER A 171 14.54 16.96 -9.00
C SER A 171 15.65 17.97 -8.78
N GLN A 172 16.84 17.51 -8.41
CA GLN A 172 17.96 18.43 -8.29
C GLN A 172 19.26 17.73 -8.65
N LYS A 173 20.24 18.52 -9.08
CA LYS A 173 21.55 17.99 -9.34
C LYS A 173 22.32 17.91 -8.03
N GLU A 174 22.71 16.71 -7.64
CA GLU A 174 23.45 16.53 -6.40
C GLU A 174 24.89 16.13 -6.73
N GLY A 175 25.72 17.12 -7.05
CA GLY A 175 27.06 16.85 -7.51
C GLY A 175 27.02 16.19 -8.88
N LEU A 176 27.45 14.94 -8.96
CA LEU A 176 27.50 14.24 -10.23
C LEU A 176 26.13 13.69 -10.66
N HIS A 177 25.36 13.22 -9.69
CA HIS A 177 24.08 12.56 -9.98
C HIS A 177 22.86 13.49 -9.87
N TYR A 178 21.81 13.17 -10.63
CA TYR A 178 20.52 13.85 -10.52
C TYR A 178 19.56 13.02 -9.71
N THR A 179 18.82 13.65 -8.81
CA THR A 179 17.91 12.91 -7.95
C THR A 179 16.47 13.39 -8.07
N CYS A 180 15.55 12.63 -7.48
CA CYS A 180 14.15 13.00 -7.38
C CYS A 180 13.73 12.65 -5.97
N SER A 181 13.51 13.68 -5.17
CA SER A 181 13.47 13.52 -3.75
C SER A 181 12.61 14.59 -3.10
N SER A 182 12.12 14.32 -1.88
N SER A 182 12.10 14.29 -1.89
CA SER A 182 11.38 15.34 -1.14
CA SER A 182 11.42 15.29 -1.08
C SER A 182 12.32 16.09 -0.19
C SER A 182 12.43 16.12 -0.29
N HIS A 183 12.12 17.39 -0.10
CA HIS A 183 12.88 18.24 0.81
C HIS A 183 11.91 19.05 1.65
N PHE A 184 12.25 19.23 2.92
CA PHE A 184 11.41 20.00 3.83
C PHE A 184 12.12 21.27 4.25
N PRO A 185 11.38 22.39 4.35
CA PRO A 185 12.02 23.66 4.70
C PRO A 185 12.76 23.54 6.02
N TYR A 186 14.02 23.95 6.06
CA TYR A 186 14.88 23.66 7.21
C TYR A 186 14.43 24.35 8.48
N SER A 187 13.65 25.41 8.34
CA SER A 187 13.17 26.17 9.49
C SER A 187 12.11 25.40 10.27
N GLN A 188 11.31 24.60 9.59
CA GLN A 188 10.35 23.73 10.26
C GLN A 188 10.60 22.27 9.84
N TYR A 189 11.87 21.88 9.89
CA TYR A 189 12.32 20.59 9.37
C TYR A 189 11.67 19.38 10.02
N GLN A 190 11.81 19.25 11.34
CA GLN A 190 11.28 18.09 12.03
C GLN A 190 9.76 18.13 12.10
N PHE A 191 9.17 19.33 12.00
CA PHE A 191 7.72 19.42 11.94
C PHE A 191 7.22 18.70 10.69
N TRP A 192 7.76 19.07 9.55
CA TRP A 192 7.28 18.50 8.30
C TRP A 192 7.59 17.02 8.19
N LYS A 193 8.76 16.60 8.68
CA LYS A 193 9.10 15.18 8.63
C LYS A 193 8.07 14.35 9.40
N ASN A 194 7.73 14.80 10.59
CA ASN A 194 6.70 14.16 11.41
C ASN A 194 5.33 14.20 10.75
N PHE A 195 4.98 15.36 10.20
CA PHE A 195 3.69 15.52 9.55
C PHE A 195 3.56 14.50 8.42
N GLN A 196 4.56 14.46 7.56
CA GLN A 196 4.53 13.57 6.40
C GLN A 196 4.59 12.10 6.79
N THR A 197 5.41 11.78 7.78
CA THR A 197 5.51 10.40 8.21
C THR A 197 4.20 9.95 8.87
N LEU A 198 3.64 10.78 9.74
CA LEU A 198 2.41 10.43 10.43
C LEU A 198 1.25 10.32 9.44
N LYS A 199 1.24 11.18 8.43
CA LYS A 199 0.20 11.12 7.42
C LYS A 199 0.23 9.76 6.71
N ILE A 200 1.42 9.27 6.38
CA ILE A 200 1.52 7.95 5.73
C ILE A 200 1.17 6.83 6.70
N VAL A 201 1.65 6.92 7.94
CA VAL A 201 1.49 5.83 8.89
C VAL A 201 0.06 5.75 9.44
N ILE A 202 -0.54 6.90 9.73
CA ILE A 202 -1.91 6.89 10.21
C ILE A 202 -2.83 6.36 9.10
N LEU A 203 -2.79 6.98 7.93
CA LEU A 203 -3.64 6.55 6.82
C LEU A 203 -3.28 5.17 6.26
N GLY A 204 -2.00 4.82 6.26
CA GLY A 204 -1.59 3.56 5.66
C GLY A 204 -1.52 2.36 6.60
N LEU A 205 -1.58 2.60 7.91
CA LEU A 205 -1.38 1.51 8.87
C LEU A 205 -2.37 1.54 10.02
N VAL A 206 -2.40 2.65 10.75
CA VAL A 206 -3.29 2.78 11.90
C VAL A 206 -4.76 2.71 11.49
N LEU A 207 -5.16 3.55 10.54
CA LEU A 207 -6.54 3.57 10.09
C LEU A 207 -7.03 2.20 9.60
N PRO A 208 -6.31 1.54 8.65
CA PRO A 208 -6.86 0.25 8.23
C PRO A 208 -6.77 -0.86 9.31
N LEU A 209 -5.85 -0.73 10.26
CA LEU A 209 -5.82 -1.65 11.40
C LEU A 209 -7.05 -1.45 12.26
N LEU A 210 -7.39 -0.18 12.48
CA LEU A 210 -8.55 0.16 13.29
C LEU A 210 -9.83 -0.37 12.63
N VAL A 211 -9.91 -0.20 11.31
CA VAL A 211 -11.06 -0.69 10.56
C VAL A 211 -11.09 -2.20 10.67
N MET A 212 -9.95 -2.83 10.47
CA MET A 212 -9.87 -4.28 10.49
C MET A 212 -10.33 -4.83 11.82
N VAL A 213 -9.78 -4.28 12.89
CA VAL A 213 -10.14 -4.68 14.24
C VAL A 213 -11.64 -4.57 14.47
N ILE A 214 -12.18 -3.36 14.33
CA ILE A 214 -13.61 -3.11 14.49
C ILE A 214 -14.47 -4.02 13.63
N CYS A 215 -14.20 -4.05 12.34
CA CYS A 215 -15.05 -4.79 11.43
C CYS A 215 -14.99 -6.30 11.65
N TYR A 216 -13.82 -6.83 11.97
CA TYR A 216 -13.66 -8.27 12.04
C TYR A 216 -14.09 -8.85 13.37
N SER A 217 -14.35 -7.99 14.34
CA SER A 217 -14.95 -8.46 15.57
C SER A 217 -16.45 -8.53 15.37
N GLY A 218 -16.98 -7.62 14.55
CA GLY A 218 -18.39 -7.65 14.21
C GLY A 218 -18.74 -8.83 13.33
N ILE A 219 -17.79 -9.24 12.48
CA ILE A 219 -18.00 -10.28 11.48
C ILE A 219 -17.78 -11.69 12.03
N LEU A 220 -16.70 -11.90 12.78
CA LEU A 220 -16.44 -13.20 13.39
C LEU A 220 -17.58 -13.57 14.37
N LYS A 221 -18.10 -12.56 15.05
CA LYS A 221 -19.29 -12.69 15.89
C LYS A 221 -20.43 -13.34 15.12
N THR A 222 -20.81 -12.71 14.02
CA THR A 222 -21.89 -13.20 13.18
C THR A 222 -21.54 -14.53 12.52
N LEU A 223 -20.27 -14.71 12.16
CA LEU A 223 -19.86 -15.88 11.38
C LEU A 223 -19.92 -17.22 12.13
N LEU A 224 -19.59 -17.23 13.41
CA LEU A 224 -19.61 -18.48 14.16
C LEU A 224 -20.95 -18.76 14.84
N ARG A 225 -22.00 -18.08 14.40
CA ARG A 225 -23.34 -18.43 14.84
C ARG A 225 -23.75 -19.74 14.15
N MET A 226 -24.77 -20.40 14.65
CA MET A 226 -25.17 -21.74 14.18
C MET A 226 -25.54 -21.76 12.68
N LYS A 227 -24.85 -22.61 11.92
CA LYS A 227 -25.00 -22.60 10.46
C LYS A 227 -26.10 -23.55 9.92
N LYS A 228 -26.87 -23.06 8.97
CA LYS A 228 -27.94 -23.82 8.32
C LYS A 228 -27.41 -24.82 7.29
N TYR A 229 -27.95 -26.03 7.30
CA TYR A 229 -27.53 -27.07 6.37
C TYR A 229 -28.68 -27.57 5.50
N THR A 230 -28.34 -28.09 4.32
CA THR A 230 -29.37 -28.55 3.39
C THR A 230 -29.03 -29.95 2.85
N CYS A 231 -30.05 -30.76 2.67
CA CYS A 231 -29.87 -32.09 2.11
C CYS A 231 -29.55 -32.01 0.63
N THR A 232 -28.52 -32.74 0.21
CA THR A 232 -28.08 -32.69 -1.19
C THR A 232 -29.00 -33.47 -2.11
N VAL A 233 -29.71 -34.44 -1.54
CA VAL A 233 -30.62 -35.27 -2.30
C VAL A 233 -31.98 -34.60 -2.53
N CYS A 234 -32.62 -34.16 -1.46
CA CYS A 234 -33.99 -33.70 -1.55
C CYS A 234 -34.13 -32.20 -1.32
N GLY A 235 -33.13 -31.60 -0.68
CA GLY A 235 -33.09 -30.15 -0.58
C GLY A 235 -33.70 -29.61 0.69
N TYR A 236 -34.12 -30.51 1.57
CA TYR A 236 -34.56 -30.14 2.91
C TYR A 236 -33.53 -29.25 3.59
N ILE A 237 -34.00 -28.20 4.27
CA ILE A 237 -33.10 -27.32 4.99
C ILE A 237 -33.22 -27.54 6.49
N TYR A 238 -32.10 -27.85 7.13
CA TYR A 238 -32.07 -27.88 8.58
C TYR A 238 -31.75 -26.50 9.12
N ASN A 239 -32.75 -25.89 9.74
CA ASN A 239 -32.57 -24.61 10.41
C ASN A 239 -32.26 -24.83 11.89
N PRO A 240 -31.00 -24.54 12.29
CA PRO A 240 -30.54 -24.72 13.67
C PRO A 240 -31.41 -24.01 14.69
N GLU A 241 -32.05 -22.92 14.28
CA GLU A 241 -32.87 -22.12 15.18
C GLU A 241 -34.06 -22.91 15.71
N ASP A 242 -34.66 -23.73 14.85
CA ASP A 242 -35.85 -24.48 15.26
C ASP A 242 -35.71 -26.00 15.09
N GLY A 243 -34.47 -26.47 15.01
CA GLY A 243 -34.16 -27.89 14.97
C GLY A 243 -35.09 -28.79 14.18
N ASP A 244 -35.59 -29.82 14.85
CA ASP A 244 -36.45 -30.78 14.20
C ASP A 244 -37.09 -31.57 15.33
N PRO A 245 -38.28 -31.14 15.79
CA PRO A 245 -38.95 -31.68 16.99
C PRO A 245 -39.50 -33.08 16.83
N ASP A 246 -40.22 -33.34 15.75
CA ASP A 246 -40.92 -34.61 15.58
C ASP A 246 -39.97 -35.78 15.30
N ASN A 247 -38.69 -35.49 15.26
CA ASN A 247 -37.68 -36.53 15.09
C ASN A 247 -36.61 -36.44 16.19
N GLY A 248 -36.95 -35.77 17.29
CA GLY A 248 -36.15 -35.79 18.49
C GLY A 248 -35.06 -34.74 18.65
N VAL A 249 -35.00 -33.80 17.72
CA VAL A 249 -33.94 -32.79 17.72
C VAL A 249 -34.41 -31.49 18.35
N ASN A 250 -33.89 -31.22 19.54
CA ASN A 250 -34.19 -30.00 20.27
C ASN A 250 -33.69 -28.74 19.58
N PRO A 251 -34.59 -27.77 19.37
CA PRO A 251 -34.29 -26.51 18.69
C PRO A 251 -33.06 -25.83 19.26
N GLY A 252 -32.30 -25.12 18.42
CA GLY A 252 -31.09 -24.49 18.88
C GLY A 252 -29.93 -25.46 18.96
N THR A 253 -30.06 -26.61 18.30
CA THR A 253 -29.00 -27.60 18.29
C THR A 253 -28.15 -27.43 17.04
N ASP A 254 -26.86 -27.24 17.24
CA ASP A 254 -25.94 -27.18 16.12
C ASP A 254 -26.01 -28.52 15.38
N PHE A 255 -25.95 -28.46 14.05
CA PHE A 255 -26.02 -29.65 13.21
C PHE A 255 -25.00 -30.71 13.63
N LYS A 256 -23.86 -30.25 14.14
CA LYS A 256 -22.83 -31.14 14.66
C LYS A 256 -23.31 -31.82 15.93
N ASP A 257 -24.18 -31.13 16.67
CA ASP A 257 -24.68 -31.62 17.95
C ASP A 257 -25.90 -32.52 17.81
N ILE A 258 -26.26 -32.84 16.56
CA ILE A 258 -27.33 -33.79 16.28
C ILE A 258 -26.81 -35.22 16.30
N PRO A 259 -27.51 -36.11 17.02
CA PRO A 259 -27.18 -37.55 17.05
C PRO A 259 -26.92 -38.09 15.64
N ASP A 260 -25.86 -38.87 15.46
CA ASP A 260 -25.41 -39.25 14.13
C ASP A 260 -26.39 -40.18 13.41
N ASP A 261 -27.15 -40.93 14.19
CA ASP A 261 -28.13 -41.86 13.64
C ASP A 261 -29.35 -41.14 13.02
N TRP A 262 -29.36 -39.81 13.15
CA TRP A 262 -30.42 -38.98 12.59
C TRP A 262 -30.29 -38.90 11.07
N VAL A 263 -31.42 -38.85 10.38
CA VAL A 263 -31.47 -38.76 8.92
C VAL A 263 -32.37 -37.62 8.44
N CYS A 264 -32.30 -37.30 7.15
CA CYS A 264 -33.16 -36.27 6.55
C CYS A 264 -34.64 -36.65 6.71
N PRO A 265 -35.42 -35.77 7.36
CA PRO A 265 -36.84 -36.08 7.63
C PRO A 265 -37.65 -36.36 6.36
N LEU A 266 -37.18 -35.90 5.21
CA LEU A 266 -37.93 -36.10 3.98
C LEU A 266 -37.48 -37.35 3.22
N CYS A 267 -36.17 -37.56 3.07
CA CYS A 267 -35.69 -38.68 2.25
C CYS A 267 -34.90 -39.72 3.05
N GLY A 268 -34.44 -39.36 4.25
CA GLY A 268 -33.76 -40.31 5.10
C GLY A 268 -32.30 -40.58 4.80
N VAL A 269 -31.61 -39.66 4.13
CA VAL A 269 -30.16 -39.80 3.99
C VAL A 269 -29.47 -39.40 5.28
N GLY A 270 -28.23 -39.85 5.45
CA GLY A 270 -27.46 -39.52 6.64
C GLY A 270 -26.95 -38.10 6.58
N LYS A 271 -26.40 -37.62 7.69
CA LYS A 271 -25.83 -36.28 7.75
C LYS A 271 -24.68 -36.16 6.77
N ASP A 272 -24.12 -37.31 6.40
CA ASP A 272 -23.05 -37.40 5.40
C ASP A 272 -23.43 -36.74 4.06
N GLN A 273 -24.72 -36.69 3.75
CA GLN A 273 -25.16 -36.13 2.48
C GLN A 273 -25.69 -34.70 2.60
N PHE A 274 -25.38 -34.04 3.72
CA PHE A 274 -25.79 -32.65 3.95
C PHE A 274 -24.62 -31.68 3.71
N GLU A 275 -24.94 -30.48 3.22
CA GLU A 275 -23.94 -29.44 2.99
C GLU A 275 -24.41 -28.15 3.64
N GLU A 276 -23.54 -27.14 3.66
CA GLU A 276 -23.94 -25.80 4.09
C GLU A 276 -24.80 -25.14 3.01
N VAL A 277 -25.73 -24.28 3.41
CA VAL A 277 -26.57 -23.56 2.46
C VAL A 277 -25.73 -22.54 1.67
N GLU A 278 -26.15 -22.26 0.44
CA GLU A 278 -25.36 -21.44 -0.49
C GLU A 278 -25.00 -20.08 0.08
N GLU A 279 -25.96 -19.46 0.76
CA GLU A 279 -25.78 -18.11 1.29
C GLU A 279 -24.71 -18.08 2.38
N GLU A 280 -24.49 -19.22 3.02
CA GLU A 280 -23.53 -19.31 4.11
C GLU A 280 -22.13 -19.54 3.58
N LYS A 281 -21.99 -20.40 2.57
CA LYS A 281 -20.68 -20.65 2.00
C LYS A 281 -20.21 -19.46 1.15
N LYS A 282 -21.14 -18.77 0.48
CA LYS A 282 -20.79 -17.59 -0.28
C LYS A 282 -20.28 -16.51 0.66
N ARG A 283 -20.92 -16.40 1.83
CA ARG A 283 -20.47 -15.47 2.85
C ARG A 283 -19.08 -15.84 3.36
N HIS A 284 -18.82 -17.13 3.58
CA HIS A 284 -17.48 -17.56 4.02
C HIS A 284 -16.44 -17.20 2.97
N ARG A 285 -16.78 -17.37 1.70
CA ARG A 285 -15.87 -17.07 0.61
C ARG A 285 -15.59 -15.58 0.53
N ASP A 286 -16.64 -14.78 0.60
CA ASP A 286 -16.52 -13.32 0.52
C ASP A 286 -15.76 -12.72 1.71
N VAL A 287 -15.79 -13.41 2.84
CA VAL A 287 -15.01 -12.95 3.98
C VAL A 287 -13.56 -13.40 3.84
N ARG A 288 -13.32 -14.58 3.27
CA ARG A 288 -11.96 -15.06 3.09
C ARG A 288 -11.18 -14.16 2.13
N LEU A 289 -11.87 -13.63 1.13
CA LEU A 289 -11.25 -12.78 0.14
C LEU A 289 -10.77 -11.47 0.74
N ILE A 290 -11.70 -10.77 1.38
CA ILE A 290 -11.44 -9.44 1.91
C ILE A 290 -10.39 -9.49 3.04
N PHE A 291 -10.38 -10.60 3.77
CA PHE A 291 -9.43 -10.77 4.86
C PHE A 291 -8.02 -10.94 4.32
N THR A 292 -7.89 -11.82 3.33
CA THR A 292 -6.60 -12.11 2.71
C THR A 292 -6.00 -10.86 2.10
N ILE A 293 -6.81 -10.10 1.37
CA ILE A 293 -6.34 -8.84 0.77
C ILE A 293 -5.77 -7.90 1.82
N MET A 294 -6.55 -7.67 2.88
CA MET A 294 -6.19 -6.75 3.94
C MET A 294 -4.91 -7.17 4.67
N ILE A 295 -4.79 -8.45 5.01
CA ILE A 295 -3.61 -8.84 5.75
C ILE A 295 -2.40 -9.02 4.84
N VAL A 296 -2.62 -9.44 3.59
CA VAL A 296 -1.48 -9.48 2.67
C VAL A 296 -0.97 -8.05 2.48
N TYR A 297 -1.89 -7.09 2.45
CA TYR A 297 -1.48 -5.70 2.41
C TYR A 297 -0.57 -5.36 3.58
N PHE A 298 -0.95 -5.76 4.79
CA PHE A 298 -0.11 -5.49 5.98
C PHE A 298 1.20 -6.27 5.93
N LEU A 299 1.23 -7.39 5.23
CA LEU A 299 2.48 -8.12 5.10
C LEU A 299 3.48 -7.35 4.27
N PHE A 300 2.98 -6.71 3.22
CA PHE A 300 3.87 -6.05 2.26
C PHE A 300 4.21 -4.62 2.62
N TRP A 301 3.37 -3.98 3.43
CA TRP A 301 3.52 -2.53 3.68
C TRP A 301 3.77 -2.12 5.15
N ALA A 302 3.37 -2.94 6.11
CA ALA A 302 3.67 -2.62 7.49
C ALA A 302 5.17 -2.53 7.77
N PRO A 303 6.00 -3.38 7.13
CA PRO A 303 7.42 -3.18 7.43
C PRO A 303 7.92 -1.79 7.03
N TYR A 304 7.55 -1.32 5.85
CA TYR A 304 7.96 0.01 5.43
C TYR A 304 7.50 1.13 6.37
N ASN A 305 6.23 1.12 6.77
CA ASN A 305 5.71 2.12 7.70
C ASN A 305 6.51 2.12 9.01
N ILE A 306 6.81 0.94 9.52
CA ILE A 306 7.56 0.84 10.77
C ILE A 306 8.95 1.45 10.63
N VAL A 307 9.67 1.04 9.58
CA VAL A 307 11.00 1.57 9.30
C VAL A 307 10.93 3.09 9.05
N LEU A 308 9.80 3.55 8.55
CA LEU A 308 9.59 4.97 8.33
C LEU A 308 9.51 5.72 9.65
N LEU A 309 8.92 5.07 10.64
CA LEU A 309 8.82 5.66 11.97
C LEU A 309 10.20 5.69 12.63
N LEU A 310 10.96 4.62 12.45
CA LEU A 310 12.30 4.53 13.02
C LEU A 310 13.22 5.61 12.45
N ASN A 311 13.08 5.88 11.15
CA ASN A 311 13.96 6.83 10.48
C ASN A 311 13.64 8.25 10.90
N THR A 312 12.36 8.56 10.98
CA THR A 312 11.89 9.90 11.29
C THR A 312 12.27 10.30 12.71
N PHE A 313 12.30 9.32 13.60
CA PHE A 313 12.69 9.56 14.97
C PHE A 313 14.00 8.87 15.29
N GLN A 314 14.93 8.89 14.34
CA GLN A 314 16.18 8.15 14.51
C GLN A 314 17.01 8.78 15.61
N GLU A 315 16.86 10.08 15.80
CA GLU A 315 17.55 10.77 16.89
C GLU A 315 17.01 10.28 18.24
N PHE A 316 15.71 10.00 18.29
CA PHE A 316 15.06 9.47 19.48
C PHE A 316 15.57 8.07 19.86
N PHE A 317 15.91 7.27 18.86
CA PHE A 317 16.43 5.93 19.11
C PHE A 317 17.95 5.91 19.08
N GLY A 318 18.54 7.09 18.90
CA GLY A 318 19.98 7.21 18.82
C GLY A 318 20.58 6.56 17.57
N LEU A 319 19.80 6.51 16.50
CA LEU A 319 20.27 5.91 15.26
C LEU A 319 20.83 6.96 14.30
N ASN A 320 20.95 8.21 14.76
CA ASN A 320 21.34 9.29 13.85
C ASN A 320 22.86 9.54 13.80
N ASN A 321 23.58 8.53 13.33
CA ASN A 321 24.98 8.67 12.98
C ASN A 321 25.19 7.98 11.64
N CYS A 322 26.38 8.07 11.07
CA CYS A 322 26.61 7.57 9.72
C CYS A 322 26.40 6.06 9.62
N SER A 323 27.07 5.31 10.48
CA SER A 323 27.00 3.86 10.44
C SER A 323 25.59 3.32 10.72
N SER A 324 24.94 3.84 11.75
CA SER A 324 23.60 3.39 12.13
C SER A 324 22.57 3.71 11.03
N SER A 325 22.65 4.92 10.50
CA SER A 325 21.66 5.36 9.54
C SER A 325 21.85 4.63 8.23
N ASN A 326 23.04 4.11 7.99
CA ASN A 326 23.26 3.34 6.77
C ASN A 326 22.58 1.99 6.86
N ARG A 327 22.61 1.38 8.03
CA ARG A 327 21.87 0.15 8.26
C ARG A 327 20.38 0.45 8.20
N LEU A 328 19.99 1.61 8.72
CA LEU A 328 18.60 2.03 8.67
C LEU A 328 18.18 2.20 7.23
N ASP A 329 19.05 2.78 6.42
CA ASP A 329 18.78 3.03 5.01
C ASP A 329 18.63 1.73 4.23
N GLN A 330 19.46 0.72 4.54
CA GLN A 330 19.32 -0.58 3.92
C GLN A 330 17.95 -1.17 4.21
N ALA A 331 17.57 -1.15 5.48
CA ALA A 331 16.25 -1.62 5.89
C ALA A 331 15.14 -0.85 5.16
N MET A 332 15.31 0.46 5.06
CA MET A 332 14.31 1.33 4.42
C MET A 332 14.11 0.96 2.97
N GLN A 333 15.21 0.72 2.26
CA GLN A 333 15.12 0.44 0.84
C GLN A 333 14.56 -0.96 0.60
N VAL A 334 14.88 -1.89 1.48
CA VAL A 334 14.39 -3.24 1.31
C VAL A 334 12.89 -3.24 1.50
N THR A 335 12.41 -2.57 2.55
CA THR A 335 10.99 -2.61 2.86
C THR A 335 10.16 -1.72 1.94
N GLU A 336 10.76 -0.63 1.45
CA GLU A 336 10.11 0.19 0.45
C GLU A 336 9.89 -0.63 -0.81
N THR A 337 10.92 -1.39 -1.18
CA THR A 337 10.90 -2.22 -2.37
C THR A 337 9.85 -3.32 -2.26
N LEU A 338 9.79 -3.97 -1.09
CA LEU A 338 8.76 -4.95 -0.82
C LEU A 338 7.38 -4.35 -1.06
N GLY A 339 7.14 -3.18 -0.48
CA GLY A 339 5.89 -2.45 -0.68
C GLY A 339 5.61 -2.19 -2.14
N MET A 340 6.65 -1.86 -2.88
CA MET A 340 6.54 -1.62 -4.31
C MET A 340 6.06 -2.84 -5.07
N THR A 341 6.51 -4.03 -4.67
CA THR A 341 6.13 -5.24 -5.39
C THR A 341 4.66 -5.59 -5.17
N HIS A 342 4.04 -4.99 -4.16
CA HIS A 342 2.66 -5.32 -3.81
C HIS A 342 1.65 -4.98 -4.91
N CYS A 343 1.97 -4.02 -5.77
CA CYS A 343 1.02 -3.62 -6.80
C CYS A 343 0.80 -4.70 -7.89
N CYS A 344 1.39 -5.88 -7.70
CA CYS A 344 1.15 -7.00 -8.61
C CYS A 344 0.56 -8.19 -7.85
N ILE A 345 0.42 -8.04 -6.54
CA ILE A 345 0.03 -9.17 -5.70
C ILE A 345 -1.47 -9.46 -5.71
N ASN A 346 -2.30 -8.42 -5.79
CA ASN A 346 -3.76 -8.61 -5.68
C ASN A 346 -4.36 -9.49 -6.79
N PRO A 347 -3.89 -9.37 -8.04
CA PRO A 347 -4.46 -10.35 -8.96
C PRO A 347 -4.04 -11.78 -8.62
N ILE A 348 -2.81 -11.95 -8.16
CA ILE A 348 -2.33 -13.27 -7.74
C ILE A 348 -3.23 -13.83 -6.63
N ILE A 349 -3.61 -12.97 -5.69
CA ILE A 349 -4.51 -13.38 -4.63
C ILE A 349 -5.83 -13.89 -5.21
N TYR A 350 -6.36 -13.20 -6.22
CA TYR A 350 -7.65 -13.59 -6.78
C TYR A 350 -7.54 -14.95 -7.45
N ALA A 351 -6.34 -15.29 -7.90
CA ALA A 351 -6.14 -16.52 -8.67
C ALA A 351 -6.02 -17.74 -7.77
N PHE A 352 -5.69 -17.53 -6.50
CA PHE A 352 -5.46 -18.65 -5.59
C PHE A 352 -6.49 -18.69 -4.47
N VAL A 353 -7.27 -17.62 -4.32
CA VAL A 353 -8.25 -17.55 -3.26
C VAL A 353 -9.67 -17.52 -3.82
N GLY A 354 -9.91 -16.65 -4.80
CA GLY A 354 -11.23 -16.52 -5.38
C GLY A 354 -11.57 -17.64 -6.36
N GLU A 355 -12.71 -18.27 -6.16
CA GLU A 355 -13.18 -19.28 -7.10
C GLU A 355 -13.76 -18.60 -8.34
N GLU A 356 -14.32 -17.41 -8.13
CA GLU A 356 -14.97 -16.66 -9.20
C GLU A 356 -13.94 -16.30 -10.28
N PHE A 357 -12.75 -15.89 -9.87
CA PHE A 357 -11.71 -15.41 -10.80
C PHE A 357 -11.10 -16.55 -11.60
N ARG A 358 -10.70 -17.60 -10.89
CA ARG A 358 -10.05 -18.76 -11.50
C ARG A 358 -10.94 -19.42 -12.56
N ASN A 359 -12.26 -19.38 -12.33
CA ASN A 359 -13.20 -19.94 -13.29
C ASN A 359 -13.39 -19.04 -14.50
N TYR A 360 -13.55 -17.75 -14.24
CA TYR A 360 -13.71 -16.77 -15.30
C TYR A 360 -12.43 -16.66 -16.13
N LEU A 361 -11.30 -16.93 -15.48
CA LEU A 361 -10.02 -17.01 -16.16
C LEU A 361 -10.01 -18.20 -17.12
N LEU A 362 -10.61 -19.31 -16.69
CA LEU A 362 -10.69 -20.51 -17.52
C LEU A 362 -11.58 -20.26 -18.74
N VAL A 363 -12.65 -19.51 -18.53
CA VAL A 363 -13.54 -19.15 -19.64
C VAL A 363 -12.84 -18.17 -20.57
N PHE A 364 -11.95 -17.37 -20.00
CA PHE A 364 -11.16 -16.40 -20.75
C PHE A 364 -10.28 -17.12 -21.79
N PHE A 365 -9.69 -18.23 -21.37
CA PHE A 365 -8.85 -19.03 -22.26
C PHE A 365 -9.68 -19.87 -23.21
N GLN A 366 -10.85 -20.31 -22.75
CA GLN A 366 -11.76 -21.06 -23.62
C GLN A 366 -12.25 -20.17 -24.74
N LYS A 367 -12.43 -18.89 -24.43
CA LYS A 367 -12.87 -17.92 -25.42
C LYS A 367 -11.75 -17.61 -26.40
N HIS A 368 -10.51 -17.92 -26.02
CA HIS A 368 -9.39 -17.81 -26.95
C HIS A 368 -9.40 -18.95 -27.97
N ILE A 369 -10.00 -20.07 -27.60
CA ILE A 369 -10.17 -21.19 -28.53
C ILE A 369 -11.56 -21.20 -29.14
N PCA B 1 9.90 9.73 3.75
CA PCA B 1 8.49 9.98 3.45
CB PCA B 1 7.83 10.71 4.60
CG PCA B 1 8.95 11.26 5.47
CD PCA B 1 10.16 10.53 4.95
OE PCA B 1 11.25 10.59 5.53
C PCA B 1 8.41 10.83 2.20
O PCA B 1 8.36 12.06 2.27
N GLY B 2 8.40 10.16 1.05
CA GLY B 2 8.46 10.83 -0.24
C GLY B 2 8.60 9.80 -1.34
N PRO B 3 9.08 10.21 -2.52
CA PRO B 3 9.14 9.28 -3.64
C PRO B 3 10.15 8.17 -3.35
N PRO B 4 10.11 7.09 -4.12
CA PRO B 4 11.02 5.98 -3.81
C PRO B 4 12.51 6.30 -3.97
N LEU B 5 13.33 5.45 -3.35
CA LEU B 5 14.79 5.51 -3.42
C LEU B 5 15.40 6.70 -2.68
N MET B 6 14.67 7.28 -1.74
CA MET B 6 15.25 8.32 -0.91
C MET B 6 16.29 7.71 0.03
N ALA B 7 16.18 6.42 0.27
CA ALA B 7 17.17 5.73 1.13
C ALA B 7 18.57 5.79 0.54
N LEU B 8 18.66 6.01 -0.76
CA LEU B 8 19.94 5.93 -1.45
C LEU B 8 20.73 7.24 -1.34
N GLN B 9 20.10 8.22 -0.71
CA GLN B 9 20.66 9.57 -0.63
C GLN B 9 21.50 9.82 0.61
N SER B 10 22.46 10.72 0.48
CA SER B 10 23.43 10.98 1.54
C SER B 10 22.97 12.06 2.50
N CYS B 11 23.47 11.99 3.73
CA CYS B 11 23.07 12.89 4.81
C CYS B 11 24.29 13.45 5.51
N CYS B 12 24.11 14.56 6.23
CA CYS B 12 25.20 15.22 6.94
C CYS B 12 25.03 15.03 8.45
N PHE B 13 26.15 14.86 9.15
CA PHE B 13 26.11 14.69 10.60
C PHE B 13 27.04 15.66 11.27
N ALA B 14 27.70 16.48 10.45
CA ALA B 14 28.59 17.53 10.90
C ALA B 14 28.51 18.71 9.93
N TYR B 15 28.76 19.92 10.42
CA TYR B 15 28.82 21.09 9.56
C TYR B 15 30.20 21.74 9.62
N ILE B 16 30.66 22.30 8.51
CA ILE B 16 31.95 22.97 8.51
C ILE B 16 31.88 24.20 9.42
N ALA B 17 32.97 24.48 10.13
CA ALA B 17 32.97 25.53 11.15
C ALA B 17 32.94 26.93 10.56
N ARG B 18 33.79 27.17 9.57
CA ARG B 18 33.95 28.49 9.00
C ARG B 18 33.57 28.51 7.52
N PRO B 19 33.19 29.68 7.01
CA PRO B 19 32.84 29.81 5.59
C PRO B 19 33.98 29.37 4.68
N LEU B 20 33.64 28.62 3.64
CA LEU B 20 34.59 28.27 2.60
C LEU B 20 34.89 29.47 1.72
N PRO B 21 36.06 29.48 1.07
CA PRO B 21 36.32 30.55 0.10
C PRO B 21 35.24 30.58 -0.97
N ARG B 22 34.47 31.67 -1.04
CA ARG B 22 33.39 31.78 -2.00
C ARG B 22 33.88 31.43 -3.41
N ALA B 23 35.11 31.83 -3.70
CA ALA B 23 35.75 31.54 -4.98
C ALA B 23 35.79 30.05 -5.32
N HIS B 24 35.84 29.19 -4.30
CA HIS B 24 36.09 27.76 -4.55
C HIS B 24 34.79 26.93 -4.68
N ILE B 25 33.63 27.59 -4.56
CA ILE B 25 32.37 26.86 -4.56
C ILE B 25 31.64 26.94 -5.91
N LYS B 26 31.21 25.78 -6.40
CA LYS B 26 30.64 25.68 -7.74
C LYS B 26 29.11 25.57 -7.74
N GLU B 27 28.58 24.64 -6.95
CA GLU B 27 27.14 24.44 -6.86
C GLU B 27 26.73 24.20 -5.42
N TYR B 28 25.44 23.99 -5.21
CA TYR B 28 24.95 23.57 -3.90
C TYR B 28 23.71 22.71 -4.05
N PHE B 29 23.46 21.85 -3.07
CA PHE B 29 22.18 21.16 -2.95
C PHE B 29 21.81 20.91 -1.48
N TYR B 30 20.50 20.76 -1.22
CA TYR B 30 19.99 20.39 0.10
C TYR B 30 19.93 18.87 0.24
N THR B 31 20.28 18.35 1.41
CA THR B 31 20.15 16.90 1.64
C THR B 31 18.69 16.52 1.76
N SER B 32 18.40 15.25 1.49
CA SER B 32 17.05 14.72 1.43
C SER B 32 16.27 14.92 2.71
N GLY B 33 14.95 14.99 2.58
CA GLY B 33 14.07 15.11 3.73
C GLY B 33 14.13 13.87 4.62
N LYS B 34 14.61 12.76 4.08
CA LYS B 34 14.81 11.55 4.85
C LYS B 34 15.84 11.75 5.97
N CYS B 35 16.74 12.71 5.78
CA CYS B 35 17.87 12.87 6.67
C CYS B 35 17.42 13.44 8.02
N SER B 36 18.10 12.97 9.07
CA SER B 36 17.83 13.42 10.43
C SER B 36 18.10 14.90 10.60
N ASN B 37 19.11 15.39 9.89
CA ASN B 37 19.55 16.78 9.99
C ASN B 37 19.27 17.53 8.70
N PRO B 38 18.81 18.78 8.82
CA PRO B 38 18.76 19.63 7.64
C PRO B 38 20.19 20.02 7.28
N ALA B 39 20.51 20.22 6.01
CA ALA B 39 21.87 20.53 5.63
C ALA B 39 21.96 21.04 4.21
N VAL B 40 22.93 21.93 4.00
CA VAL B 40 23.31 22.38 2.67
C VAL B 40 24.63 21.69 2.31
N VAL B 41 24.74 21.22 1.08
CA VAL B 41 26.00 20.65 0.64
C VAL B 41 26.59 21.50 -0.47
N PHE B 42 27.78 22.03 -0.22
CA PHE B 42 28.49 22.77 -1.26
C PHE B 42 29.44 21.84 -2.01
N VAL B 43 29.48 21.97 -3.33
CA VAL B 43 30.45 21.24 -4.11
C VAL B 43 31.49 22.23 -4.64
N THR B 44 32.75 21.81 -4.65
CA THR B 44 33.83 22.70 -5.01
C THR B 44 34.22 22.57 -6.47
N ARG B 45 35.16 23.41 -6.90
CA ARG B 45 35.77 23.26 -8.21
C ARG B 45 36.44 21.90 -8.27
N LYS B 46 37.05 21.51 -7.16
CA LYS B 46 37.69 20.21 -7.02
C LYS B 46 36.66 19.10 -6.71
N ASN B 47 35.38 19.46 -6.74
CA ASN B 47 34.26 18.52 -6.57
C ASN B 47 34.23 17.80 -5.22
N ARG B 48 34.81 18.41 -4.20
CA ARG B 48 34.61 17.95 -2.84
C ARG B 48 33.20 18.32 -2.42
N GLN B 49 32.63 17.57 -1.49
CA GLN B 49 31.32 17.91 -0.96
C GLN B 49 31.46 18.23 0.53
N VAL B 50 30.96 19.38 0.93
CA VAL B 50 31.07 19.77 2.32
C VAL B 50 29.72 20.20 2.89
N CYS B 51 29.36 19.58 4.01
CA CYS B 51 28.11 19.89 4.71
C CYS B 51 28.21 21.21 5.43
N ALA B 52 27.17 22.03 5.29
CA ALA B 52 27.11 23.31 5.99
C ALA B 52 25.74 23.49 6.66
N ASN B 53 25.71 24.37 7.66
CA ASN B 53 24.49 24.66 8.41
C ASN B 53 23.63 25.68 7.69
N PRO B 54 22.41 25.29 7.29
CA PRO B 54 21.49 26.17 6.55
C PRO B 54 21.03 27.38 7.36
N GLU B 55 21.25 27.34 8.67
CA GLU B 55 20.79 28.42 9.54
C GLU B 55 21.79 29.56 9.55
N LYS B 56 23.05 29.26 9.27
CA LYS B 56 24.12 30.26 9.28
C LYS B 56 23.92 31.32 8.21
N LYS B 57 24.25 32.56 8.55
CA LYS B 57 24.08 33.68 7.63
C LYS B 57 24.96 33.54 6.40
N TRP B 58 26.20 33.10 6.58
CA TRP B 58 27.11 32.97 5.44
C TRP B 58 26.62 31.91 4.46
N VAL B 59 25.94 30.88 4.95
CA VAL B 59 25.47 29.82 4.08
C VAL B 59 24.31 30.30 3.22
N ARG B 60 23.38 31.03 3.82
CA ARG B 60 22.23 31.54 3.09
C ARG B 60 22.64 32.61 2.09
N GLU B 61 23.68 33.37 2.44
CA GLU B 61 24.23 34.37 1.54
C GLU B 61 24.90 33.69 0.34
N TYR B 62 25.65 32.62 0.64
CA TYR B 62 26.30 31.83 -0.39
C TYR B 62 25.28 31.24 -1.37
N ILE B 63 24.18 30.74 -0.82
CA ILE B 63 23.10 30.18 -1.63
C ILE B 63 22.49 31.24 -2.55
N ASN B 64 22.18 32.40 -1.98
CA ASN B 64 21.66 33.54 -2.75
C ASN B 64 22.57 33.95 -3.89
N SER B 65 23.88 33.89 -3.66
CA SER B 65 24.85 34.24 -4.68
C SER B 65 24.80 33.30 -5.88
N LEU B 66 24.71 32.01 -5.59
CA LEU B 66 24.76 30.98 -6.62
C LEU B 66 23.53 31.02 -7.53
N GLU B 67 22.47 31.69 -7.09
CA GLU B 67 21.27 31.82 -7.90
C GLU B 67 21.47 32.88 -9.00
N MET B 68 21.99 34.04 -8.61
CA MET B 68 22.20 35.15 -9.54
C MET B 68 23.23 34.80 -10.62
ZN ZN C . -33.37 -35.27 1.94
C9 OLC D . -3.09 13.09 8.97
C8 OLC D . -2.08 14.19 9.22
C24 OLC D . 7.29 20.09 15.64
C7 OLC D . -1.24 13.87 10.43
C6 OLC D . -0.64 15.16 10.97
C5 OLC D . 0.43 14.88 12.00
C4 OLC D . 0.99 16.19 12.50
C3 OLC D . 2.20 15.97 13.40
C2 OLC D . 2.57 17.28 14.04
C21 OLC D . 5.91 18.04 15.59
C1 OLC D . 3.86 17.17 14.82
C22 OLC D . 6.12 19.37 16.27
O19 OLC D . 4.07 16.23 15.56
O25 OLC D . 7.52 21.31 16.30
O23 OLC D . 4.96 20.16 16.14
O20 OLC D . 4.85 18.16 14.66
C24 OLC E . 14.05 5.87 -20.10
C6 OLC E . 3.61 2.82 -19.11
C5 OLC E . 4.71 3.78 -19.54
C4 OLC E . 6.05 3.09 -19.44
C3 OLC E . 7.16 4.10 -19.61
C2 OLC E . 8.48 3.39 -19.81
C21 OLC E . 11.96 4.75 -19.37
C1 OLC E . 9.64 4.33 -19.57
C22 OLC E . 13.28 4.57 -20.09
O19 OLC E . 9.45 5.37 -18.99
O25 OLC E . 15.35 5.68 -20.65
O23 OLC E . 14.05 3.59 -19.43
O20 OLC E . 10.94 4.02 -20.01
C10 OLC F . 5.90 -6.87 11.23
C9 OLC F . 7.20 -6.71 11.56
C11 OLC F . 5.47 -6.96 9.77
C8 OLC F . 8.27 -6.61 10.50
C24 OLC F . 19.66 -0.13 12.10
C12 OLC F . 3.96 -6.84 9.70
C7 OLC F . 8.95 -5.28 10.63
C13 OLC F . 3.30 -8.09 10.25
C6 OLC F . 10.42 -5.39 10.26
C14 OLC F . 1.82 -8.06 9.95
C5 OLC F . 11.08 -4.09 10.62
C4 OLC F . 12.54 -4.12 10.18
C3 OLC F . 13.36 -3.36 11.21
C2 OLC F . 14.60 -2.80 10.56
C21 OLC F . 17.42 -0.95 11.43
C1 OLC F . 15.65 -2.51 11.62
C22 OLC F . 18.44 -0.90 12.55
O19 OLC F . 15.34 -2.49 12.80
O25 OLC F . 20.53 0.08 13.20
O23 OLC F . 17.86 -0.26 13.66
O20 OLC F . 16.98 -2.27 11.26
C9 OLC G . 7.10 -9.45 6.60
C8 OLC G . 8.50 -9.42 7.17
C24 OLC G . 20.03 -5.17 5.27
C7 OLC G . 9.46 -8.78 6.18
C6 OLC G . 10.48 -7.95 6.94
C5 OLC G . 11.59 -7.48 6.02
C4 OLC G . 12.52 -6.56 6.78
C3 OLC G . 13.93 -6.71 6.26
C2 OLC G . 14.67 -5.39 6.33
C21 OLC G . 18.16 -4.62 6.83
C1 OLC G . 16.01 -5.59 6.99
C22 OLC G . 19.56 -5.19 6.72
O19 OLC G . 16.08 -5.82 8.18
O25 OLC G . 19.44 -6.22 4.54
O23 OLC G . 20.44 -4.42 7.52
O20 OLC G . 17.22 -5.50 6.25
C24 OLC H . 15.24 1.04 -16.99
C6 OLC H . 8.14 -5.10 -21.65
C5 OLC H . 9.13 -4.14 -21.02
C4 OLC H . 8.66 -3.76 -19.64
C3 OLC H . 9.28 -2.43 -19.23
C2 OLC H . 10.64 -2.66 -18.62
C21 OLC H . 13.01 0.13 -17.60
C1 OLC H . 11.29 -1.31 -18.42
C22 OLC H . 14.49 0.13 -17.93
O19 OLC H . 10.76 -0.32 -18.89
O25 OLC H . 16.49 1.39 -17.54
O23 OLC H . 15.01 -1.18 -17.82
O20 OLC H . 12.50 -1.19 -17.70
C10 OLC I . 15.76 -6.54 -3.05
C9 OLC I . 16.66 -5.55 -3.22
C17 OLC I . 9.72 -10.47 -1.90
C11 OLC I . 14.73 -6.50 -1.95
C8 OLC I . 16.71 -4.35 -2.30
C24 OLC I . 27.65 -3.96 1.35
C16 OLC I . 9.77 -9.42 -2.98
C12 OLC I . 13.63 -7.51 -2.23
C7 OLC I . 17.84 -3.45 -2.77
C15 OLC I . 11.04 -8.60 -2.90
C13 OLC I . 12.43 -7.23 -1.36
C6 OLC I . 18.37 -2.63 -1.61
C14 OLC I . 11.44 -8.38 -1.46
C5 OLC I . 19.80 -2.99 -1.34
C4 OLC I . 19.96 -3.53 0.07
C3 OLC I . 21.41 -3.37 0.47
C2 OLC I . 21.73 -4.27 1.64
C21 OLC I . 25.22 -4.02 1.83
C1 OLC I . 23.08 -4.90 1.37
C22 OLC I . 26.48 -4.85 1.71
O19 OLC I . 23.25 -5.49 0.32
O25 OLC I . 28.72 -4.75 0.85
O23 OLC I . 26.75 -5.50 2.93
O20 OLC I . 24.15 -4.81 2.29
C1 OLA J . -3.87 -18.38 0.77
O1 OLA J . -4.36 -17.66 1.70
O2 OLA J . -4.51 -19.39 0.37
C2 OLA J . -2.53 -18.01 0.17
C3 OLA J . -2.38 -16.50 0.14
C4 OLA J . -2.30 -16.02 -1.29
C5 OLA J . -0.86 -16.09 -1.76
C6 OLA J . -0.13 -14.84 -1.34
C7 OLA J . 0.99 -14.56 -2.31
C8 OLA J . 2.06 -13.76 -1.62
C9 OLA J . 3.40 -14.03 -2.28
C10 OLA J . 3.49 -14.13 -3.62
C1 OLA K . -2.59 -15.19 4.60
O1 OLA K . -2.23 -15.33 5.80
O2 OLA K . -3.81 -15.10 4.33
C2 OLA K . -1.54 -15.15 3.51
C3 OLA K . -0.19 -15.48 4.09
C4 OLA K . 0.89 -15.20 3.06
C5 OLA K . 0.74 -16.17 1.91
C6 OLA K . 1.66 -17.36 2.12
#